data_3PS3
#
_entry.id   3PS3
#
_cell.length_a   107.745
_cell.length_b   107.745
_cell.length_c   53.509
_cell.angle_alpha   90.000
_cell.angle_beta   90.000
_cell.angle_gamma   120.000
#
_symmetry.space_group_name_H-M   'P 61'
#
loop_
_entity.id
_entity.type
_entity.pdbx_description
1 polymer 'UDP-3-O-[3-hydroxymyristoyl] N-acetylglucosamine deacetylase'
2 non-polymer 'ZINC ION'
3 non-polymer 4-[4-(4-aminophenyl)buta-1,3-diyn-1-yl]-N-[(2S,3S)-3-hydroxy-1-nitroso-1-oxobutan-2-yl]benzamide
4 non-polymer 4-ethynyl-N-[(1S,2R)-2-hydroxy-1-(oxocarbamoyl)propyl]benzamide
5 non-polymer 'DIMETHYL SULFOXIDE'
6 non-polymer 'SULFATE ION'
7 water water
#
_entity_poly.entity_id   1
_entity_poly.type   'polypeptide(L)'
_entity_poly.pdbx_seq_one_letter_code
;MIKQRTLKRIVQATGVGLHTGKKVTLTLRPAPANTGVIYRRTDLNPPVDFPADAKSVRDTMLCTCLVNEHDVRISTVEHL
NAALAGLGIDNIVIEVNAPEIPIMDGSAAPFVYLLLDAGIDELNCAKKFVRIKETVRVEDGDKWAEFKPYNGFSLDFTID
FNHPAIDSSNQRYAMNFSADAFMRQISRARTFGFMRDIEYLQSRGLCLGGSFDCAIVVDDYRVLNEDGLRFEDEFVRHKM
LDAIGDLFMCGHNIIGAFTAYKSGHALNNKLLQAVLAKQEAWEYVTFQDDAELPLAFKAP
;
_entity_poly.pdbx_strand_id   A
#
# COMPACT_ATOMS: atom_id res chain seq x y z
N MET A 1 -13.29 -8.02 22.92
CA MET A 1 -13.67 -7.30 21.67
C MET A 1 -12.42 -6.88 20.91
N ILE A 2 -12.41 -7.14 19.60
CA ILE A 2 -11.30 -6.72 18.76
C ILE A 2 -11.39 -5.22 18.53
N LYS A 3 -10.42 -4.49 19.09
CA LYS A 3 -10.48 -3.03 19.11
C LYS A 3 -9.72 -2.40 17.96
N GLN A 4 -10.08 -1.16 17.63
CA GLN A 4 -9.32 -0.37 16.68
C GLN A 4 -7.98 -0.05 17.31
N ARG A 5 -6.98 0.21 16.47
N ARG A 5 -6.98 0.20 16.48
CA ARG A 5 -5.64 0.51 16.96
CA ARG A 5 -5.63 0.49 16.97
C ARG A 5 -5.15 1.85 16.44
C ARG A 5 -5.09 1.80 16.40
N THR A 6 -4.22 2.45 17.18
CA THR A 6 -3.55 3.65 16.73
C THR A 6 -2.12 3.58 17.27
N LEU A 7 -1.36 4.66 17.13
CA LEU A 7 0.02 4.68 17.64
C LEU A 7 0.05 5.10 19.10
N LYS A 8 1.07 4.64 19.83
CA LYS A 8 1.28 5.04 21.22
C LYS A 8 1.92 6.41 21.29
N ARG A 9 2.85 6.69 20.39
CA ARG A 9 3.61 7.93 20.43
C ARG A 9 3.89 8.47 19.04
N ILE A 10 4.29 9.74 19.00
CA ILE A 10 4.65 10.40 17.75
C ILE A 10 6.07 10.04 17.33
N VAL A 11 6.25 9.63 16.09
CA VAL A 11 7.59 9.33 15.56
C VAL A 11 7.84 10.09 14.25
N GLN A 12 9.11 10.29 13.94
CA GLN A 12 9.50 11.03 12.73
C GLN A 12 10.62 10.32 12.01
N ALA A 13 10.70 10.55 10.70
CA ALA A 13 11.79 10.01 9.89
C ALA A 13 12.02 10.95 8.71
N THR A 14 13.22 10.94 8.16
CA THR A 14 13.51 11.72 6.97
C THR A 14 13.94 10.84 5.80
N GLY A 15 13.81 11.36 4.59
CA GLY A 15 14.17 10.65 3.38
C GLY A 15 13.88 11.53 2.18
N VAL A 16 14.29 11.10 0.99
CA VAL A 16 14.08 11.91 -0.19
C VAL A 16 12.76 11.58 -0.87
N GLY A 17 12.16 12.57 -1.52
CA GLY A 17 10.97 12.35 -2.32
C GLY A 17 11.36 11.84 -3.70
N LEU A 18 10.66 10.82 -4.16
CA LEU A 18 10.88 10.28 -5.50
C LEU A 18 10.77 11.36 -6.59
N HIS A 19 9.82 12.28 -6.46
CA HIS A 19 9.59 13.31 -7.47
C HIS A 19 10.60 14.44 -7.39
N THR A 20 10.73 15.05 -6.22
CA THR A 20 11.51 16.27 -6.08
C THR A 20 13.00 16.01 -5.83
N GLY A 21 13.31 14.88 -5.19
CA GLY A 21 14.67 14.57 -4.83
C GLY A 21 15.12 15.34 -3.59
N LYS A 22 14.17 16.00 -2.93
CA LYS A 22 14.49 16.81 -1.76
C LYS A 22 14.19 16.05 -0.47
N LYS A 23 14.79 16.50 0.62
CA LYS A 23 14.58 15.86 1.90
C LYS A 23 13.19 16.17 2.43
N VAL A 24 12.47 15.11 2.80
CA VAL A 24 11.12 15.21 3.32
C VAL A 24 11.11 14.64 4.73
N THR A 25 10.52 15.39 5.66
CA THR A 25 10.34 14.89 7.02
C THR A 25 8.93 14.35 7.19
N LEU A 26 8.87 13.09 7.64
CA LEU A 26 7.62 12.36 7.81
C LEU A 26 7.30 12.26 9.31
N THR A 27 6.09 12.62 9.69
CA THR A 27 5.67 12.56 11.09
C THR A 27 4.40 11.74 11.24
N LEU A 28 4.45 10.71 12.08
CA LEU A 28 3.29 9.86 12.34
C LEU A 28 2.74 10.18 13.73
N ARG A 29 1.42 10.32 13.82
CA ARG A 29 0.77 10.74 15.05
C ARG A 29 -0.38 9.80 15.42
N PRO A 30 -0.58 9.58 16.73
CA PRO A 30 -1.77 8.88 17.21
C PRO A 30 -3.05 9.63 16.84
N ALA A 31 -4.16 8.92 16.73
CA ALA A 31 -5.44 9.53 16.36
C ALA A 31 -6.59 8.79 17.04
N PRO A 32 -7.65 9.53 17.43
CA PRO A 32 -8.80 8.92 18.13
C PRO A 32 -9.55 7.92 17.26
N ALA A 33 -10.50 7.21 17.87
CA ALA A 33 -11.23 6.16 17.16
C ALA A 33 -12.06 6.72 16.03
N ASN A 34 -12.24 5.91 14.97
CA ASN A 34 -13.15 6.21 13.87
C ASN A 34 -12.69 7.33 12.94
N THR A 35 -11.57 7.98 13.26
CA THR A 35 -11.09 9.06 12.43
C THR A 35 -10.36 8.53 11.19
N GLY A 36 -9.90 7.29 11.25
CA GLY A 36 -9.30 6.62 10.11
C GLY A 36 -7.89 7.05 9.79
N VAL A 37 -7.52 6.89 8.52
CA VAL A 37 -6.19 7.25 8.04
C VAL A 37 -6.27 8.61 7.35
N ILE A 38 -5.41 9.54 7.77
CA ILE A 38 -5.39 10.89 7.23
C ILE A 38 -3.98 11.25 6.82
N TYR A 39 -3.77 11.52 5.53
CA TYR A 39 -2.51 12.07 5.06
C TYR A 39 -2.57 13.59 5.06
N ARG A 40 -1.53 14.26 5.54
CA ARG A 40 -1.56 15.71 5.71
C ARG A 40 -0.29 16.37 5.18
N ARG A 41 -0.46 17.42 4.37
CA ARG A 41 0.67 18.25 3.93
C ARG A 41 0.82 19.48 4.83
N THR A 42 1.99 19.62 5.43
CA THR A 42 2.26 20.77 6.27
C THR A 42 3.18 21.78 5.59
N ASP A 43 3.57 21.50 4.35
CA ASP A 43 4.34 22.48 3.60
C ASP A 43 3.41 23.61 3.16
N LEU A 44 2.15 23.27 2.85
CA LEU A 44 1.15 24.26 2.49
C LEU A 44 0.64 24.97 3.74
N ASN A 45 0.29 26.24 3.58
CA ASN A 45 -0.27 27.00 4.69
C ASN A 45 -1.57 27.66 4.26
N PRO A 46 -2.69 27.24 4.85
CA PRO A 46 -2.74 26.25 5.94
C PRO A 46 -2.49 24.82 5.46
N PRO A 47 -2.23 23.90 6.39
CA PRO A 47 -2.05 22.48 6.06
C PRO A 47 -3.29 21.89 5.40
N VAL A 48 -3.08 20.86 4.57
CA VAL A 48 -4.18 20.23 3.86
C VAL A 48 -4.30 18.76 4.27
N ASP A 49 -5.53 18.33 4.53
CA ASP A 49 -5.80 16.96 4.93
C ASP A 49 -6.34 16.17 3.75
N PHE A 50 -5.90 14.92 3.63
CA PHE A 50 -6.31 14.02 2.58
C PHE A 50 -6.76 12.71 3.23
N PRO A 51 -8.04 12.63 3.63
CA PRO A 51 -8.54 11.36 4.17
C PRO A 51 -8.35 10.22 3.19
N ALA A 52 -7.76 9.11 3.64
CA ALA A 52 -7.61 7.94 2.79
C ALA A 52 -8.98 7.43 2.38
N ASP A 53 -9.27 7.49 1.08
CA ASP A 53 -10.56 7.09 0.55
C ASP A 53 -10.37 6.57 -0.87
N ALA A 54 -11.07 5.49 -1.22
CA ALA A 54 -10.93 4.88 -2.54
C ALA A 54 -11.24 5.87 -3.66
N LYS A 55 -12.18 6.77 -3.41
CA LYS A 55 -12.60 7.73 -4.44
C LYS A 55 -11.57 8.83 -4.67
N SER A 56 -10.65 9.01 -3.73
CA SER A 56 -9.70 10.11 -3.79
C SER A 56 -8.39 9.72 -4.45
N VAL A 57 -8.27 8.46 -4.83
CA VAL A 57 -7.05 7.95 -5.41
C VAL A 57 -6.94 8.33 -6.88
N ARG A 58 -5.71 8.64 -7.29
CA ARG A 58 -5.38 8.80 -8.69
C ARG A 58 -4.08 8.04 -8.94
N ASP A 59 -4.06 7.24 -10.01
CA ASP A 59 -2.86 6.51 -10.42
C ASP A 59 -2.02 7.33 -11.39
N THR A 60 -1.12 8.11 -10.82
CA THR A 60 -0.19 8.90 -11.59
C THR A 60 0.90 8.01 -12.17
N MET A 61 1.63 8.54 -13.15
CA MET A 61 2.67 7.77 -13.83
C MET A 61 3.66 7.13 -12.85
N LEU A 62 4.05 7.89 -11.81
CA LEU A 62 4.91 7.35 -10.76
C LEU A 62 4.08 7.06 -9.52
N CYS A 63 3.97 5.78 -9.17
CA CYS A 63 3.31 5.41 -7.93
C CYS A 63 1.86 5.93 -7.95
N THR A 64 1.35 6.38 -6.81
CA THR A 64 -0.01 6.93 -6.75
C THR A 64 -0.09 8.18 -5.88
N CYS A 65 -1.26 8.82 -5.87
CA CYS A 65 -1.47 10.02 -5.05
C CYS A 65 -2.93 10.15 -4.63
N LEU A 66 -3.17 10.97 -3.60
CA LEU A 66 -4.52 11.36 -3.23
C LEU A 66 -4.77 12.80 -3.68
N VAL A 67 -6.03 13.15 -3.93
CA VAL A 67 -6.38 14.53 -4.27
C VAL A 67 -7.52 15.01 -3.39
N ASN A 68 -7.55 16.32 -3.13
CA ASN A 68 -8.69 16.93 -2.47
C ASN A 68 -9.61 17.56 -3.51
N GLU A 69 -10.59 18.33 -3.06
CA GLU A 69 -11.62 18.87 -3.94
C GLU A 69 -11.09 19.92 -4.92
N HIS A 70 -9.89 20.44 -4.64
CA HIS A 70 -9.26 21.43 -5.51
C HIS A 70 -8.12 20.84 -6.34
N ASP A 71 -8.00 19.51 -6.31
CA ASP A 71 -6.99 18.78 -7.07
C ASP A 71 -5.55 19.05 -6.59
N VAL A 72 -5.41 19.53 -5.37
CA VAL A 72 -4.14 19.51 -4.68
C VAL A 72 -3.81 18.04 -4.36
N ARG A 73 -2.53 17.69 -4.35
CA ARG A 73 -2.12 16.30 -4.26
C ARG A 73 -1.17 15.98 -3.12
N ILE A 74 -1.19 14.72 -2.68
CA ILE A 74 -0.10 14.15 -1.90
C ILE A 74 0.26 12.82 -2.53
N SER A 75 1.53 12.64 -2.85
CA SER A 75 1.94 11.52 -3.69
C SER A 75 2.71 10.44 -2.94
N THR A 76 2.81 9.28 -3.57
CA THR A 76 3.59 8.16 -3.08
C THR A 76 3.14 7.68 -1.70
N VAL A 77 1.85 7.44 -1.52
CA VAL A 77 1.31 7.06 -0.24
C VAL A 77 1.16 5.54 -0.07
N GLU A 78 1.26 4.78 -1.16
CA GLU A 78 0.79 3.40 -1.16
C GLU A 78 1.68 2.41 -0.42
N HIS A 79 2.98 2.68 -0.33
CA HIS A 79 3.87 1.75 0.33
C HIS A 79 3.75 1.89 1.85
N LEU A 80 3.64 3.12 2.34
CA LEU A 80 3.40 3.37 3.75
C LEU A 80 2.03 2.80 4.09
N ASN A 81 1.05 3.08 3.23
CA ASN A 81 -0.29 2.57 3.42
C ASN A 81 -0.29 1.06 3.56
N ALA A 82 0.53 0.38 2.76
CA ALA A 82 0.62 -1.07 2.80
C ALA A 82 1.12 -1.50 4.18
N ALA A 83 2.11 -0.79 4.72
CA ALA A 83 2.62 -1.09 6.06
C ALA A 83 1.54 -0.89 7.12
N LEU A 84 0.64 0.07 6.92
CA LEU A 84 -0.46 0.30 7.84
C LEU A 84 -1.37 -0.92 7.91
N ALA A 85 -1.69 -1.48 6.75
CA ALA A 85 -2.51 -2.68 6.69
C ALA A 85 -1.78 -3.85 7.36
N GLY A 86 -0.49 -3.98 7.08
CA GLY A 86 0.32 -5.05 7.62
C GLY A 86 0.36 -5.09 9.14
N LEU A 87 0.52 -3.93 9.77
CA LEU A 87 0.65 -3.85 11.22
C LEU A 87 -0.68 -3.58 11.91
N GLY A 88 -1.76 -3.56 11.13
CA GLY A 88 -3.09 -3.37 11.68
C GLY A 88 -3.32 -2.01 12.33
N ILE A 89 -2.88 -0.94 11.66
CA ILE A 89 -3.17 0.42 12.12
C ILE A 89 -4.47 0.93 11.50
N ASP A 90 -5.37 1.44 12.33
CA ASP A 90 -6.70 1.85 11.88
C ASP A 90 -6.88 3.36 11.85
N ASN A 91 -6.32 4.04 12.84
CA ASN A 91 -6.44 5.48 12.94
C ASN A 91 -5.07 6.08 13.11
N ILE A 92 -4.77 7.11 12.34
CA ILE A 92 -3.43 7.69 12.34
C ILE A 92 -3.41 8.96 11.51
N VAL A 93 -2.61 9.93 11.93
CA VAL A 93 -2.33 11.10 11.12
C VAL A 93 -0.91 11.03 10.59
N ILE A 94 -0.77 11.17 9.28
CA ILE A 94 0.53 11.05 8.62
C ILE A 94 0.88 12.39 7.97
N GLU A 95 1.91 13.04 8.47
CA GLU A 95 2.29 14.38 8.02
C GLU A 95 3.60 14.39 7.24
N VAL A 96 3.63 15.15 6.15
CA VAL A 96 4.90 15.43 5.48
C VAL A 96 4.97 16.91 5.17
N ASN A 97 6.17 17.49 5.35
CA ASN A 97 6.40 18.89 5.01
C ASN A 97 6.80 19.00 3.56
N ALA A 98 6.09 18.30 2.71
CA ALA A 98 6.37 18.26 1.29
C ALA A 98 5.16 17.72 0.55
N PRO A 99 5.22 17.71 -0.79
CA PRO A 99 4.10 17.19 -1.57
C PRO A 99 4.07 15.66 -1.67
N GLU A 100 4.95 14.97 -0.96
CA GLU A 100 5.01 13.51 -1.11
C GLU A 100 5.61 12.79 0.09
N ILE A 101 5.25 11.52 0.22
CA ILE A 101 5.85 10.64 1.21
C ILE A 101 7.22 10.21 0.70
N PRO A 102 8.24 10.22 1.59
CA PRO A 102 9.58 9.80 1.15
C PRO A 102 9.58 8.38 0.56
N ILE A 103 10.39 8.15 -0.46
CA ILE A 103 10.41 6.86 -1.15
C ILE A 103 11.18 5.80 -0.36
N MET A 104 12.08 6.24 0.52
CA MET A 104 12.94 5.31 1.28
C MET A 104 13.67 4.36 0.33
N ASP A 105 13.65 3.07 0.62
CA ASP A 105 14.41 2.11 -0.19
C ASP A 105 13.57 1.49 -1.30
N GLY A 106 12.34 2.00 -1.49
CA GLY A 106 11.46 1.51 -2.52
C GLY A 106 10.47 0.46 -2.02
N SER A 107 10.64 0.03 -0.76
CA SER A 107 9.78 -1.00 -0.19
C SER A 107 8.95 -0.44 0.95
N ALA A 108 8.33 -1.33 1.72
CA ALA A 108 7.57 -0.92 2.90
C ALA A 108 8.36 -1.10 4.19
N ALA A 109 9.47 -1.82 4.11
CA ALA A 109 10.18 -2.28 5.30
C ALA A 109 10.58 -1.14 6.24
N PRO A 110 11.17 -0.07 5.70
CA PRO A 110 11.57 1.04 6.58
C PRO A 110 10.40 1.61 7.38
N PHE A 111 9.20 1.56 6.81
CA PHE A 111 8.01 2.03 7.50
C PHE A 111 7.60 1.07 8.62
N VAL A 112 7.93 -0.21 8.46
CA VAL A 112 7.64 -1.19 9.51
C VAL A 112 8.35 -0.84 10.81
N TYR A 113 9.65 -0.58 10.74
CA TYR A 113 10.41 -0.24 11.93
C TYR A 113 9.91 1.05 12.55
N LEU A 114 9.57 2.01 11.71
CA LEU A 114 9.08 3.30 12.17
C LEU A 114 7.80 3.14 12.99
N LEU A 115 6.88 2.33 12.48
CA LEU A 115 5.61 2.08 13.16
C LEU A 115 5.82 1.31 14.45
N LEU A 116 6.77 0.38 14.44
CA LEU A 116 7.08 -0.41 15.62
C LEU A 116 7.63 0.50 16.72
N ASP A 117 8.40 1.51 16.32
CA ASP A 117 8.91 2.51 17.25
C ASP A 117 7.78 3.29 17.92
N ALA A 118 6.72 3.54 17.16
CA ALA A 118 5.59 4.34 17.63
C ALA A 118 4.69 3.56 18.58
N GLY A 119 4.70 2.23 18.46
CA GLY A 119 3.94 1.38 19.36
C GLY A 119 2.46 1.31 19.04
N ILE A 120 1.75 0.46 19.77
CA ILE A 120 0.34 0.21 19.53
C ILE A 120 -0.50 0.65 20.72
N ASP A 121 -1.58 1.36 20.44
CA ASP A 121 -2.56 1.70 21.46
C ASP A 121 -3.93 1.24 20.98
N GLU A 122 -4.56 0.37 21.76
CA GLU A 122 -5.90 -0.09 21.44
C GLU A 122 -6.93 0.91 21.97
N LEU A 123 -7.91 1.23 21.13
CA LEU A 123 -8.96 2.18 21.48
C LEU A 123 -10.24 1.41 21.78
N ASN A 124 -11.00 1.89 22.76
CA ASN A 124 -12.21 1.21 23.20
C ASN A 124 -13.35 1.38 22.21
N CYS A 125 -13.18 0.81 21.02
CA CYS A 125 -14.18 0.90 19.97
C CYS A 125 -13.92 -0.22 18.97
N ALA A 126 -14.97 -0.98 18.65
CA ALA A 126 -14.84 -2.16 17.80
C ALA A 126 -14.24 -1.81 16.45
N LYS A 127 -13.36 -2.69 15.97
CA LYS A 127 -12.74 -2.55 14.65
C LYS A 127 -13.67 -3.16 13.61
N LYS A 128 -13.93 -2.40 12.55
CA LYS A 128 -14.86 -2.86 11.51
C LYS A 128 -14.12 -3.44 10.31
N PHE A 129 -14.56 -4.62 9.89
CA PHE A 129 -14.02 -5.29 8.72
C PHE A 129 -15.03 -5.24 7.58
N VAL A 130 -14.52 -5.25 6.35
CA VAL A 130 -15.37 -5.35 5.17
C VAL A 130 -15.41 -6.81 4.70
N ARG A 131 -16.50 -7.50 5.00
CA ARG A 131 -16.66 -8.90 4.62
C ARG A 131 -17.31 -9.01 3.24
N ILE A 132 -16.58 -9.59 2.30
CA ILE A 132 -17.12 -9.88 0.97
C ILE A 132 -18.18 -10.96 1.09
N LYS A 133 -19.30 -10.79 0.40
CA LYS A 133 -20.35 -11.82 0.41
C LYS A 133 -20.95 -12.07 -0.98
N GLU A 134 -20.45 -11.36 -1.99
CA GLU A 134 -20.76 -11.67 -3.38
C GLU A 134 -19.47 -11.55 -4.19
N THR A 135 -19.36 -12.36 -5.23
CA THR A 135 -18.22 -12.24 -6.13
C THR A 135 -18.33 -10.92 -6.89
N VAL A 136 -17.22 -10.20 -6.97
CA VAL A 136 -17.18 -8.93 -7.70
C VAL A 136 -15.96 -8.90 -8.59
N ARG A 137 -16.17 -8.59 -9.86
CA ARG A 137 -15.10 -8.64 -10.85
C ARG A 137 -15.09 -7.37 -11.69
N VAL A 138 -13.89 -6.84 -11.95
CA VAL A 138 -13.71 -5.71 -12.85
C VAL A 138 -12.69 -6.08 -13.91
N GLU A 139 -12.77 -5.46 -15.07
CA GLU A 139 -11.90 -5.79 -16.19
C GLU A 139 -11.37 -4.56 -16.91
N ASP A 140 -10.27 -4.76 -17.63
CA ASP A 140 -9.70 -3.73 -18.48
C ASP A 140 -8.86 -4.39 -19.55
N GLY A 141 -9.49 -4.72 -20.68
CA GLY A 141 -8.85 -5.49 -21.72
C GLY A 141 -8.62 -6.92 -21.25
N ASP A 142 -7.38 -7.38 -21.40
CA ASP A 142 -7.02 -8.73 -20.98
C ASP A 142 -6.65 -8.80 -19.50
N LYS A 143 -6.81 -7.68 -18.80
CA LYS A 143 -6.52 -7.61 -17.37
C LYS A 143 -7.81 -7.78 -16.57
N TRP A 144 -7.70 -8.37 -15.38
CA TRP A 144 -8.87 -8.52 -14.52
C TRP A 144 -8.50 -8.58 -13.05
N ALA A 145 -9.48 -8.35 -12.19
CA ALA A 145 -9.31 -8.47 -10.75
C ALA A 145 -10.68 -8.74 -10.13
N GLU A 146 -10.72 -9.63 -9.14
CA GLU A 146 -11.97 -9.95 -8.49
C GLU A 146 -11.79 -10.24 -7.01
N PHE A 147 -12.88 -10.11 -6.28
CA PHE A 147 -12.93 -10.48 -4.87
C PHE A 147 -13.99 -11.55 -4.74
N LYS A 148 -13.76 -12.54 -3.88
CA LYS A 148 -14.72 -13.60 -3.67
C LYS A 148 -14.90 -13.87 -2.19
N PRO A 149 -16.09 -14.32 -1.79
CA PRO A 149 -16.32 -14.70 -0.40
C PRO A 149 -15.28 -15.70 0.10
N TYR A 150 -14.84 -15.53 1.34
CA TYR A 150 -13.79 -16.35 1.91
C TYR A 150 -13.49 -15.85 3.32
N ASN A 151 -13.60 -16.74 4.32
CA ASN A 151 -13.39 -16.36 5.71
C ASN A 151 -11.90 -16.23 6.02
N GLY A 152 -11.31 -15.16 5.52
CA GLY A 152 -9.88 -14.91 5.66
C GLY A 152 -9.49 -13.79 4.71
N PHE A 153 -8.20 -13.63 4.47
CA PHE A 153 -7.73 -12.69 3.46
C PHE A 153 -6.57 -13.30 2.68
N SER A 154 -6.82 -13.61 1.41
CA SER A 154 -5.79 -14.19 0.57
C SER A 154 -5.64 -13.35 -0.70
N LEU A 155 -4.42 -13.30 -1.23
CA LEU A 155 -4.15 -12.57 -2.46
C LEU A 155 -3.46 -13.49 -3.46
N ASP A 156 -3.97 -13.53 -4.67
CA ASP A 156 -3.41 -14.37 -5.73
C ASP A 156 -3.11 -13.50 -6.94
N PHE A 157 -1.83 -13.19 -7.14
CA PHE A 157 -1.42 -12.19 -8.11
C PHE A 157 -0.52 -12.75 -9.20
N THR A 158 -0.93 -12.56 -10.45
CA THR A 158 -0.13 -12.96 -11.60
C THR A 158 0.24 -11.74 -12.45
N ILE A 159 1.52 -11.60 -12.76
CA ILE A 159 1.99 -10.47 -13.57
C ILE A 159 2.45 -10.93 -14.95
N ASP A 160 2.09 -10.18 -15.98
CA ASP A 160 2.55 -10.48 -17.33
C ASP A 160 3.79 -9.68 -17.67
N PHE A 161 4.95 -10.26 -17.40
CA PHE A 161 6.21 -9.64 -17.78
C PHE A 161 6.91 -10.51 -18.81
N ASN A 162 7.30 -9.89 -19.92
CA ASN A 162 8.38 -10.45 -20.72
C ASN A 162 9.57 -9.53 -20.62
N HIS A 163 10.42 -9.82 -19.65
CA HIS A 163 11.73 -9.22 -19.57
C HIS A 163 12.69 -10.35 -19.28
N PRO A 164 13.84 -10.37 -19.96
CA PRO A 164 14.81 -11.47 -19.78
C PRO A 164 15.23 -11.67 -18.33
N ALA A 165 15.22 -10.60 -17.54
CA ALA A 165 15.69 -10.64 -16.16
C ALA A 165 14.59 -11.07 -15.19
N ILE A 166 13.44 -11.45 -15.73
CA ILE A 166 12.32 -11.92 -14.92
C ILE A 166 11.84 -13.25 -15.47
N ASP A 167 12.16 -14.34 -14.76
CA ASP A 167 11.82 -15.67 -15.26
C ASP A 167 10.34 -15.96 -15.04
N SER A 168 9.78 -16.83 -15.89
CA SER A 168 8.35 -17.11 -15.87
C SER A 168 7.90 -17.67 -14.53
N SER A 169 8.67 -18.59 -13.98
CA SER A 169 8.32 -19.21 -12.70
C SER A 169 8.28 -18.19 -11.57
N ASN A 170 8.52 -16.92 -11.91
CA ASN A 170 8.47 -15.84 -10.94
C ASN A 170 7.48 -14.75 -11.35
N GLN A 171 6.36 -15.17 -11.93
CA GLN A 171 5.36 -14.23 -12.42
C GLN A 171 4.00 -14.52 -11.80
N ARG A 172 4.03 -15.07 -10.59
CA ARG A 172 2.82 -15.32 -9.83
C ARG A 172 3.21 -15.48 -8.37
N TYR A 173 2.46 -14.83 -7.48
CA TYR A 173 2.66 -14.98 -6.06
C TYR A 173 1.31 -15.09 -5.39
N ALA A 174 1.21 -15.92 -4.36
CA ALA A 174 -0.04 -16.13 -3.67
C ALA A 174 0.24 -16.34 -2.20
N MET A 175 -0.56 -15.71 -1.34
CA MET A 175 -0.33 -15.81 0.09
C MET A 175 -1.63 -15.71 0.85
N ASN A 176 -1.62 -16.26 2.06
CA ASN A 176 -2.66 -15.98 3.01
C ASN A 176 -2.16 -14.88 3.93
N PHE A 177 -2.77 -13.71 3.79
CA PHE A 177 -2.33 -12.52 4.51
C PHE A 177 -2.23 -12.73 6.00
N SER A 178 -1.28 -12.03 6.61
CA SER A 178 -1.16 -11.93 8.06
C SER A 178 -0.05 -10.92 8.35
N ALA A 179 -0.08 -10.32 9.53
CA ALA A 179 0.91 -9.33 9.88
C ALA A 179 2.32 -9.90 9.72
N ASP A 180 2.50 -11.14 10.15
CA ASP A 180 3.81 -11.79 10.12
C ASP A 180 4.23 -12.12 8.70
N ALA A 181 3.28 -12.59 7.89
CA ALA A 181 3.56 -12.93 6.51
C ALA A 181 3.87 -11.68 5.68
N PHE A 182 3.22 -10.57 6.02
CA PHE A 182 3.46 -9.34 5.29
C PHE A 182 4.84 -8.81 5.62
N MET A 183 5.19 -8.87 6.91
CA MET A 183 6.46 -8.31 7.36
C MET A 183 7.64 -9.08 6.77
N ARG A 184 7.49 -10.41 6.64
CA ARG A 184 8.61 -11.26 6.28
C ARG A 184 8.68 -11.58 4.78
N GLN A 185 7.54 -11.80 4.17
N GLN A 185 7.54 -11.84 4.17
CA GLN A 185 7.51 -12.21 2.76
CA GLN A 185 7.49 -12.17 2.75
C GLN A 185 7.26 -11.04 1.79
C GLN A 185 7.50 -10.92 1.88
N ILE A 186 6.69 -9.94 2.27
CA ILE A 186 6.34 -8.83 1.38
C ILE A 186 7.04 -7.49 1.63
N SER A 187 7.20 -7.12 2.90
CA SER A 187 7.57 -5.75 3.23
C SER A 187 8.87 -5.26 2.59
N ARG A 188 9.81 -6.17 2.32
CA ARG A 188 11.12 -5.78 1.82
C ARG A 188 11.23 -5.76 0.29
N ALA A 189 10.15 -6.11 -0.41
CA ALA A 189 10.20 -6.15 -1.86
C ALA A 189 10.12 -4.73 -2.40
N ARG A 190 11.09 -4.36 -3.24
CA ARG A 190 11.25 -2.99 -3.70
C ARG A 190 10.49 -2.75 -4.99
N THR A 191 10.15 -1.48 -5.25
CA THR A 191 9.55 -1.09 -6.50
C THR A 191 10.61 -1.20 -7.60
N PHE A 192 10.18 -1.10 -8.85
CA PHE A 192 11.09 -1.35 -9.96
C PHE A 192 10.73 -0.51 -11.18
N GLY A 193 11.73 -0.21 -12.01
CA GLY A 193 11.51 0.55 -13.21
C GLY A 193 12.51 0.26 -14.32
N PHE A 194 12.21 0.78 -15.50
CA PHE A 194 13.04 0.63 -16.69
C PHE A 194 14.01 1.81 -16.75
N MET A 195 15.30 1.52 -16.90
CA MET A 195 16.33 2.54 -16.75
C MET A 195 16.22 3.67 -17.76
N ARG A 196 15.92 3.34 -19.01
CA ARG A 196 15.83 4.36 -20.05
C ARG A 196 14.69 5.34 -19.78
N ASP A 197 13.55 4.82 -19.31
CA ASP A 197 12.42 5.67 -18.97
C ASP A 197 12.79 6.63 -17.82
N ILE A 198 13.43 6.09 -16.79
CA ILE A 198 13.88 6.90 -15.67
C ILE A 198 14.85 7.99 -16.12
N GLU A 199 15.83 7.62 -16.94
CA GLU A 199 16.76 8.57 -17.52
C GLU A 199 16.01 9.71 -18.21
N TYR A 200 14.96 9.34 -18.94
CA TYR A 200 14.17 10.32 -19.65
C TYR A 200 13.48 11.27 -18.68
N LEU A 201 12.77 10.70 -17.71
CA LEU A 201 12.03 11.52 -16.75
C LEU A 201 12.97 12.50 -16.07
N GLN A 202 14.13 12.01 -15.64
CA GLN A 202 15.09 12.84 -14.93
C GLN A 202 15.69 13.93 -15.82
N SER A 203 15.68 13.70 -17.14
CA SER A 203 16.17 14.71 -18.07
C SER A 203 15.13 15.79 -18.28
N ARG A 204 13.87 15.45 -17.98
CA ARG A 204 12.78 16.42 -18.01
C ARG A 204 12.52 16.99 -16.61
N GLY A 205 13.44 16.76 -15.69
CA GLY A 205 13.32 17.29 -14.34
C GLY A 205 12.32 16.55 -13.44
N LEU A 206 12.00 15.32 -13.81
CA LEU A 206 11.07 14.50 -13.03
C LEU A 206 11.78 13.33 -12.36
N CYS A 207 11.12 12.69 -11.41
CA CYS A 207 11.66 11.51 -10.74
C CYS A 207 13.06 11.78 -10.22
N LEU A 208 13.26 12.99 -9.70
CA LEU A 208 14.59 13.45 -9.29
C LEU A 208 15.15 12.74 -8.07
N GLY A 209 14.29 12.07 -7.31
CA GLY A 209 14.71 11.29 -6.17
C GLY A 209 15.08 9.86 -6.52
N GLY A 210 14.86 9.47 -7.77
CA GLY A 210 15.19 8.14 -8.22
C GLY A 210 16.68 7.81 -8.13
N SER A 211 16.99 6.66 -7.54
CA SER A 211 18.37 6.18 -7.46
C SER A 211 18.35 4.64 -7.25
N PHE A 212 19.52 4.02 -7.27
CA PHE A 212 19.61 2.58 -7.04
C PHE A 212 19.17 2.26 -5.61
N ASP A 213 19.30 3.25 -4.73
CA ASP A 213 18.95 3.07 -3.33
C ASP A 213 17.43 3.02 -3.10
N CYS A 214 16.64 3.37 -4.11
CA CYS A 214 15.19 3.38 -3.92
C CYS A 214 14.41 2.54 -4.92
N ALA A 215 15.10 1.76 -5.75
CA ALA A 215 14.41 0.96 -6.76
C ALA A 215 15.29 -0.09 -7.43
N ILE A 216 14.67 -1.19 -7.81
CA ILE A 216 15.28 -2.11 -8.75
C ILE A 216 15.17 -1.48 -10.14
N VAL A 217 16.28 -1.30 -10.81
CA VAL A 217 16.30 -0.78 -12.16
C VAL A 217 16.89 -1.81 -13.12
N VAL A 218 16.20 -2.05 -14.22
CA VAL A 218 16.69 -2.94 -15.27
C VAL A 218 16.83 -2.18 -16.58
N ASP A 219 17.81 -2.55 -17.40
CA ASP A 219 17.84 -2.06 -18.78
C ASP A 219 17.07 -3.06 -19.65
N ASP A 220 17.42 -3.19 -20.92
CA ASP A 220 16.69 -4.12 -21.79
C ASP A 220 16.92 -5.58 -21.38
N TYR A 221 18.04 -5.85 -20.73
CA TYR A 221 18.51 -7.22 -20.54
C TYR A 221 18.65 -7.71 -19.10
N ARG A 222 19.02 -6.82 -18.18
CA ARG A 222 19.35 -7.28 -16.82
C ARG A 222 19.04 -6.28 -15.71
N VAL A 223 19.13 -6.78 -14.47
CA VAL A 223 19.08 -5.96 -13.27
C VAL A 223 20.41 -5.21 -13.16
N LEU A 224 20.34 -3.90 -12.97
CA LEU A 224 21.53 -3.07 -12.88
C LEU A 224 22.05 -2.93 -11.45
N ASN A 225 21.18 -3.09 -10.47
CA ASN A 225 21.57 -2.98 -9.07
C ASN A 225 22.70 -3.94 -8.74
N GLU A 226 23.76 -3.40 -8.17
CA GLU A 226 24.96 -4.15 -7.84
C GLU A 226 24.67 -5.47 -7.13
N ASP A 227 23.84 -5.43 -6.08
CA ASP A 227 23.59 -6.60 -5.25
C ASP A 227 22.48 -7.52 -5.78
N GLY A 228 21.83 -7.09 -6.86
CA GLY A 228 20.78 -7.91 -7.45
C GLY A 228 19.48 -7.82 -6.67
N LEU A 229 18.79 -8.95 -6.58
CA LEU A 229 17.45 -9.01 -6.00
C LEU A 229 17.43 -9.58 -4.58
N ARG A 230 16.47 -9.12 -3.79
CA ARG A 230 16.27 -9.58 -2.42
C ARG A 230 15.52 -10.91 -2.43
N PHE A 231 14.72 -11.10 -3.48
CA PHE A 231 14.05 -12.37 -3.74
C PHE A 231 14.12 -12.62 -5.24
N GLU A 232 14.00 -13.88 -5.64
CA GLU A 232 14.00 -14.22 -7.06
C GLU A 232 12.76 -13.68 -7.73
N ASP A 233 11.68 -13.58 -6.96
CA ASP A 233 10.42 -13.06 -7.46
C ASP A 233 10.06 -11.74 -6.76
N GLU A 234 11.06 -10.88 -6.58
CA GLU A 234 10.83 -9.62 -5.87
C GLU A 234 9.85 -8.72 -6.61
N PHE A 235 9.83 -8.79 -7.94
CA PHE A 235 8.95 -7.95 -8.74
C PHE A 235 7.49 -8.21 -8.40
N VAL A 236 7.09 -9.47 -8.43
CA VAL A 236 5.69 -9.84 -8.19
C VAL A 236 5.33 -9.68 -6.71
N ARG A 237 6.29 -9.94 -5.83
CA ARG A 237 6.09 -9.65 -4.41
C ARG A 237 5.79 -8.17 -4.22
N HIS A 238 6.51 -7.29 -4.91
CA HIS A 238 6.23 -5.86 -4.77
C HIS A 238 4.86 -5.51 -5.32
N LYS A 239 4.45 -6.19 -6.40
CA LYS A 239 3.13 -5.92 -6.95
C LYS A 239 2.06 -6.27 -5.93
N MET A 240 2.31 -7.29 -5.11
CA MET A 240 1.37 -7.66 -4.05
C MET A 240 1.40 -6.66 -2.91
N LEU A 241 2.59 -6.13 -2.62
CA LEU A 241 2.73 -5.04 -1.67
C LEU A 241 1.87 -3.87 -2.12
N ASP A 242 1.94 -3.55 -3.42
CA ASP A 242 1.15 -2.45 -3.97
C ASP A 242 -0.35 -2.76 -3.88
N ALA A 243 -0.74 -4.01 -4.13
CA ALA A 243 -2.14 -4.41 -4.03
C ALA A 243 -2.70 -4.21 -2.61
N ILE A 244 -1.97 -4.67 -1.60
CA ILE A 244 -2.37 -4.47 -0.21
C ILE A 244 -2.52 -2.99 0.12
N GLY A 245 -1.58 -2.17 -0.35
CA GLY A 245 -1.65 -0.73 -0.14
C GLY A 245 -2.85 -0.10 -0.85
N ASP A 246 -3.13 -0.54 -2.07
CA ASP A 246 -4.25 -0.01 -2.83
C ASP A 246 -5.58 -0.33 -2.14
N LEU A 247 -5.74 -1.60 -1.75
CA LEU A 247 -6.98 -2.09 -1.16
C LEU A 247 -7.26 -1.45 0.20
N PHE A 248 -6.21 -1.08 0.92
CA PHE A 248 -6.38 -0.52 2.25
C PHE A 248 -6.72 0.96 2.21
N MET A 249 -6.89 1.50 0.99
CA MET A 249 -7.29 2.89 0.84
C MET A 249 -8.69 3.14 1.39
N CYS A 250 -9.47 2.08 1.54
CA CYS A 250 -10.81 2.19 2.09
C CYS A 250 -10.77 2.32 3.61
N GLY A 251 -9.60 2.02 4.18
CA GLY A 251 -9.38 2.20 5.62
C GLY A 251 -9.81 1.01 6.46
N HIS A 252 -10.21 -0.08 5.81
CA HIS A 252 -10.64 -1.27 6.52
C HIS A 252 -10.00 -2.51 5.92
N ASN A 253 -9.69 -3.48 6.77
CA ASN A 253 -9.25 -4.79 6.30
C ASN A 253 -10.44 -5.52 5.71
N ILE A 254 -10.19 -6.19 4.60
CA ILE A 254 -11.23 -6.90 3.88
C ILE A 254 -11.11 -8.39 4.11
N ILE A 255 -12.22 -9.02 4.47
CA ILE A 255 -12.28 -10.45 4.63
C ILE A 255 -12.80 -11.04 3.32
N GLY A 256 -11.91 -11.57 2.50
CA GLY A 256 -12.28 -12.16 1.23
C GLY A 256 -11.07 -12.66 0.44
N ALA A 257 -11.33 -13.14 -0.77
CA ALA A 257 -10.30 -13.74 -1.61
C ALA A 257 -10.02 -12.84 -2.81
N PHE A 258 -8.84 -12.23 -2.81
CA PHE A 258 -8.42 -11.35 -3.89
C PHE A 258 -7.62 -12.11 -4.93
N THR A 259 -8.04 -12.01 -6.18
CA THR A 259 -7.31 -12.61 -7.30
C THR A 259 -7.17 -11.58 -8.41
N ALA A 260 -5.98 -11.45 -8.97
CA ALA A 260 -5.72 -10.46 -10.00
C ALA A 260 -4.76 -10.99 -11.07
N TYR A 261 -5.11 -10.74 -12.33
CA TYR A 261 -4.24 -11.05 -13.44
C TYR A 261 -3.84 -9.77 -14.16
N LYS A 262 -2.54 -9.48 -14.16
CA LYS A 262 -2.00 -8.28 -14.80
C LYS A 262 -2.60 -7.00 -14.22
N SER A 263 -2.84 -6.99 -12.91
CA SER A 263 -3.46 -5.84 -12.27
C SER A 263 -2.44 -4.78 -11.85
N GLY A 264 -2.94 -3.58 -11.58
CA GLY A 264 -2.12 -2.47 -11.12
C GLY A 264 -2.95 -1.51 -10.30
N HIS A 265 -2.37 -0.38 -9.93
CA HIS A 265 -3.06 0.58 -9.07
C HIS A 265 -4.47 0.89 -9.58
N ALA A 266 -4.58 1.18 -10.86
CA ALA A 266 -5.86 1.59 -11.45
C ALA A 266 -6.91 0.50 -11.32
N LEU A 267 -6.54 -0.72 -11.68
CA LEU A 267 -7.48 -1.83 -11.67
C LEU A 267 -7.85 -2.23 -10.24
N ASN A 268 -6.86 -2.25 -9.35
CA ASN A 268 -7.09 -2.56 -7.94
C ASN A 268 -8.09 -1.59 -7.33
N ASN A 269 -7.90 -0.31 -7.62
CA ASN A 269 -8.79 0.71 -7.10
C ASN A 269 -10.17 0.62 -7.75
N LYS A 270 -10.20 0.21 -9.02
CA LYS A 270 -11.48 0.06 -9.71
C LYS A 270 -12.29 -1.06 -9.07
N LEU A 271 -11.60 -2.13 -8.67
CA LEU A 271 -12.25 -3.23 -7.97
C LEU A 271 -12.76 -2.75 -6.61
N LEU A 272 -11.90 -2.05 -5.86
CA LEU A 272 -12.25 -1.56 -4.54
C LEU A 272 -13.55 -0.75 -4.59
N GLN A 273 -13.63 0.19 -5.53
CA GLN A 273 -14.82 1.03 -5.66
C GLN A 273 -16.02 0.22 -6.16
N ALA A 274 -15.76 -0.79 -6.98
CA ALA A 274 -16.83 -1.64 -7.49
C ALA A 274 -17.48 -2.41 -6.35
N VAL A 275 -16.65 -2.94 -5.46
CA VAL A 275 -17.13 -3.69 -4.31
C VAL A 275 -17.97 -2.79 -3.40
N LEU A 276 -17.41 -1.64 -3.04
CA LEU A 276 -18.08 -0.74 -2.09
C LEU A 276 -19.36 -0.14 -2.66
N ALA A 277 -19.43 -0.01 -3.98
CA ALA A 277 -20.57 0.62 -4.62
C ALA A 277 -21.82 -0.26 -4.54
N LYS A 278 -21.63 -1.57 -4.60
CA LYS A 278 -22.74 -2.50 -4.53
C LYS A 278 -23.04 -2.89 -3.08
N GLN A 279 -24.16 -2.40 -2.56
CA GLN A 279 -24.51 -2.57 -1.17
C GLN A 279 -24.56 -4.04 -0.72
N GLU A 280 -25.07 -4.91 -1.59
CA GLU A 280 -25.27 -6.30 -1.21
C GLU A 280 -24.03 -7.16 -1.44
N ALA A 281 -23.00 -6.58 -2.03
CA ALA A 281 -21.79 -7.33 -2.31
C ALA A 281 -20.88 -7.41 -1.08
N TRP A 282 -21.15 -6.60 -0.06
CA TRP A 282 -20.35 -6.60 1.15
C TRP A 282 -21.15 -6.15 2.37
N GLU A 283 -20.52 -6.27 3.54
CA GLU A 283 -21.12 -5.82 4.78
C GLU A 283 -20.02 -5.61 5.82
N TYR A 284 -20.28 -4.72 6.77
CA TYR A 284 -19.41 -4.54 7.92
C TYR A 284 -19.62 -5.70 8.89
N VAL A 285 -18.53 -6.14 9.52
CA VAL A 285 -18.63 -7.11 10.61
C VAL A 285 -17.64 -6.71 11.69
N THR A 286 -17.97 -7.04 12.93
CA THR A 286 -17.05 -6.82 14.03
C THR A 286 -16.85 -8.14 14.76
N PHE A 287 -15.90 -8.15 15.68
CA PHE A 287 -15.66 -9.35 16.47
C PHE A 287 -15.69 -9.00 17.94
N GLN A 288 -16.89 -9.06 18.51
CA GLN A 288 -17.05 -8.95 19.95
C GLN A 288 -16.26 -10.07 20.59
N ASP A 289 -16.31 -11.23 19.94
CA ASP A 289 -15.59 -12.42 20.40
C ASP A 289 -14.28 -12.54 19.63
N ASP A 290 -13.16 -12.48 20.35
CA ASP A 290 -11.84 -12.48 19.73
C ASP A 290 -11.51 -13.78 19.02
N ALA A 291 -12.02 -14.89 19.55
CA ALA A 291 -11.75 -16.20 18.96
C ALA A 291 -12.35 -16.33 17.57
N GLU A 292 -13.36 -15.50 17.28
CA GLU A 292 -13.98 -15.48 15.96
C GLU A 292 -13.03 -14.89 14.92
N LEU A 293 -12.16 -14.00 15.37
CA LEU A 293 -11.27 -13.26 14.47
C LEU A 293 -10.48 -14.19 13.56
N PRO A 294 -10.64 -14.02 12.24
CA PRO A 294 -9.91 -14.81 11.25
C PRO A 294 -8.41 -14.83 11.51
N LEU A 295 -7.78 -15.96 11.23
CA LEU A 295 -6.34 -16.13 11.39
C LEU A 295 -5.58 -14.96 10.77
N ALA A 296 -6.07 -14.48 9.63
CA ALA A 296 -5.34 -13.48 8.83
C ALA A 296 -5.10 -12.15 9.54
N PHE A 297 -6.03 -11.72 10.39
CA PHE A 297 -5.95 -10.39 10.97
C PHE A 297 -5.65 -10.37 12.47
N LYS A 298 -4.87 -11.34 12.95
CA LYS A 298 -4.41 -11.35 14.33
C LYS A 298 -3.26 -10.37 14.55
N ALA A 299 -3.12 -9.86 15.76
CA ALA A 299 -2.03 -8.92 16.06
C ALA A 299 -0.67 -9.51 15.66
N PRO A 300 0.29 -8.64 15.29
CA PRO A 300 1.65 -9.04 14.90
C PRO A 300 2.38 -9.79 16.00
#